data_8OPZ
#
_entry.id   8OPZ
#
_cell.length_a   88.045
_cell.length_b   88.045
_cell.length_c   254.969
_cell.angle_alpha   90.00
_cell.angle_beta   90.00
_cell.angle_gamma   120.00
#
_symmetry.space_group_name_H-M   'H 3'
#
loop_
_entity.id
_entity.type
_entity.pdbx_description
1 polymer 'Tailspike depolymerase (APK16_gp47) from Acinetobacter phage APK16'
2 non-polymer GLYCEROL
3 water water
#
_entity_poly.entity_id   1
_entity_poly.type   'polypeptide(L)'
_entity_poly.pdbx_seq_one_letter_code
;GSEVAAAQTQYYLKYFNPDIVYPKNARIMLDTGVVVMSMVDGNSTNPNSNMTGWVRVNSASLIFDQSGKTQQEINDSQKQ
KLPSLKDYGAVSGQDSTAAIKAAIAAEDFLYFGDIGDNFIVSEQIDLRDGCYYVSNGAKFTAALGIEGSQPYTPKSIINA
SGKVGINISGLVRTHIDHNIFSALGDANSKPTISGFLADAAIDCDFGKWESVGSVNYYYTPNFKEYGIVDLRNSIDCYIE
ADVNGRWTEETTASTPSTVGIMGSNNKGCYLKGRAKNCYWSGILWEGEDCVVDGPHVRNTKGSNLNLAGKNTAAYNVDLY
GSEQGNISIGEGATQAENCNVVGGVAGNAKFANCHLHSVTKNCHVKLFHYGWGQTASAVSDATSGIRCQGTGNTIDSEFD
VTYGGLTVKGDAVNVYCSTLTNPEATNIKVNVVGIGARVQIRAPYTIVNAKITGATGDAVVLGERCKGSIVEEVTAIKCG
RPLQYAPKTTDANDYAGVIIGRINDVECTNRSVFYGQKIVHSQRKIERIYAQETAFVLDQVLEAIEVYTNDSGVTGANKL
ASAIRHISADSFGTSYGLDLVASTISKNNLANSKTKVRAGHIEVEPAVAGAASHIVLYAANGTKWKLEPTGSASAANWVA
V
;
_entity_poly.pdbx_strand_id   A
#
# COMPACT_ATOMS: atom_id res chain seq x y z
N GLN A 10 56.41 -40.25 54.33
CA GLN A 10 54.91 -40.60 54.37
C GLN A 10 54.10 -39.90 53.23
N TYR A 11 53.90 -38.60 53.37
CA TYR A 11 53.02 -37.81 52.50
C TYR A 11 53.46 -36.35 52.66
N TYR A 12 52.89 -35.47 51.82
CA TYR A 12 53.23 -34.05 51.74
C TYR A 12 52.02 -33.31 52.29
N LEU A 13 52.28 -32.58 53.39
CA LEU A 13 51.38 -31.85 54.29
C LEU A 13 52.18 -31.14 55.38
N LYS A 14 52.02 -29.80 55.35
CA LYS A 14 52.52 -28.84 56.33
C LYS A 14 51.49 -27.70 56.39
N TYR A 15 51.04 -27.44 57.64
CA TYR A 15 50.34 -26.19 57.95
C TYR A 15 51.24 -25.03 58.34
N PHE A 16 50.60 -23.83 58.39
CA PHE A 16 51.31 -22.65 58.87
C PHE A 16 51.77 -22.87 60.30
N ASN A 17 53.03 -22.47 60.55
CA ASN A 17 53.64 -22.53 61.88
C ASN A 17 53.84 -21.10 62.43
N PRO A 18 53.24 -20.73 63.61
CA PRO A 18 53.32 -19.37 64.18
C PRO A 18 54.71 -18.81 64.53
N ASP A 19 55.70 -19.71 64.69
CA ASP A 19 57.05 -19.45 65.20
C ASP A 19 58.10 -19.34 64.07
N ILE A 20 57.76 -19.76 62.83
CA ILE A 20 58.67 -19.93 61.70
C ILE A 20 58.64 -18.69 60.78
N VAL A 21 59.84 -18.38 60.26
CA VAL A 21 60.13 -17.51 59.12
C VAL A 21 60.32 -18.38 57.87
N TYR A 22 59.50 -18.04 56.86
CA TYR A 22 59.46 -18.74 55.58
C TYR A 22 60.41 -18.04 54.62
N PRO A 23 61.37 -18.75 53.97
CA PRO A 23 62.17 -18.18 52.88
C PRO A 23 61.30 -18.10 51.61
N LYS A 24 61.82 -17.39 50.60
CA LYS A 24 61.22 -17.23 49.29
C LYS A 24 61.12 -18.62 48.65
N ASN A 25 59.99 -18.91 47.95
CA ASN A 25 59.73 -20.20 47.30
C ASN A 25 59.20 -21.31 48.24
N ALA A 26 59.15 -21.08 49.58
CA ALA A 26 58.64 -22.02 50.56
C ALA A 26 57.14 -22.19 50.32
N ARG A 27 56.80 -23.47 50.26
CA ARG A 27 55.46 -23.99 50.11
C ARG A 27 54.99 -24.73 51.37
N ILE A 28 53.75 -24.37 51.68
CA ILE A 28 52.99 -24.94 52.79
C ILE A 28 51.55 -25.09 52.29
N MET A 29 50.70 -25.61 53.18
CA MET A 29 49.27 -25.67 52.97
C MET A 29 48.60 -24.68 53.94
N LEU A 30 47.61 -24.01 53.35
CA LEU A 30 46.36 -23.58 54.00
C LEU A 30 45.64 -24.70 54.76
N ASP A 31 44.77 -24.34 55.72
CA ASP A 31 43.89 -25.24 56.48
C ASP A 31 42.85 -25.91 55.56
N THR A 32 42.52 -25.21 54.46
CA THR A 32 41.71 -25.67 53.33
C THR A 32 42.42 -26.78 52.55
N GLY A 33 43.76 -26.95 52.67
CA GLY A 33 44.54 -27.86 51.84
C GLY A 33 45.23 -27.30 50.60
N VAL A 34 44.75 -26.16 50.07
CA VAL A 34 45.32 -25.45 48.93
C VAL A 34 46.75 -25.01 49.29
N VAL A 35 47.71 -25.20 48.38
CA VAL A 35 49.13 -24.83 48.53
C VAL A 35 49.37 -23.34 48.17
N VAL A 36 50.16 -22.73 49.08
CA VAL A 36 50.72 -21.37 49.07
C VAL A 36 52.25 -21.42 48.96
N MET A 37 52.84 -20.54 48.11
CA MET A 37 54.27 -20.28 48.09
C MET A 37 54.51 -18.84 48.56
N SER A 38 55.58 -18.66 49.36
CA SER A 38 56.10 -17.34 49.69
C SER A 38 56.86 -16.70 48.52
N MET A 39 56.46 -15.44 48.29
CA MET A 39 57.07 -14.47 47.39
C MET A 39 58.15 -13.64 48.12
N VAL A 40 58.19 -13.71 49.49
CA VAL A 40 59.17 -13.02 50.33
C VAL A 40 60.03 -13.98 51.18
N ASP A 41 61.29 -13.56 51.51
CA ASP A 41 62.33 -14.20 52.33
C ASP A 41 62.13 -14.09 53.84
N GLY A 42 61.47 -13.00 54.27
CA GLY A 42 61.05 -12.86 55.66
C GLY A 42 59.53 -12.85 55.71
N ASN A 43 58.95 -14.07 55.57
CA ASN A 43 57.52 -14.26 55.69
C ASN A 43 57.14 -14.85 57.04
N SER A 44 56.31 -14.08 57.75
CA SER A 44 55.89 -14.34 59.11
C SER A 44 54.37 -14.28 59.21
N THR A 45 53.76 -13.96 58.04
CA THR A 45 52.33 -13.73 57.87
C THR A 45 51.64 -15.07 57.71
N ASN A 46 50.48 -15.15 58.37
CA ASN A 46 49.63 -16.32 58.44
C ASN A 46 48.73 -16.29 57.20
N PRO A 47 49.00 -17.16 56.18
CA PRO A 47 48.26 -17.10 54.91
C PRO A 47 46.78 -17.43 54.95
N ASN A 48 46.33 -18.14 56.00
CA ASN A 48 44.94 -18.31 56.43
C ASN A 48 44.21 -17.00 56.79
N SER A 49 44.93 -15.90 57.12
CA SER A 49 44.40 -14.64 57.63
C SER A 49 44.82 -13.43 56.78
N ASN A 50 45.91 -13.61 56.00
CA ASN A 50 46.76 -12.55 55.49
C ASN A 50 47.68 -13.13 54.41
N MET A 51 47.34 -12.83 53.14
CA MET A 51 48.06 -13.31 51.99
C MET A 51 49.23 -12.42 51.52
N THR A 52 49.54 -11.36 52.29
CA THR A 52 50.75 -10.55 52.15
C THR A 52 51.99 -11.45 52.05
N GLY A 53 52.69 -11.23 50.93
CA GLY A 53 53.79 -11.99 50.36
C GLY A 53 53.56 -13.50 50.12
N TRP A 54 52.29 -13.93 49.97
CA TRP A 54 51.88 -15.28 49.59
C TRP A 54 51.15 -15.28 48.25
N VAL A 55 51.32 -16.41 47.53
CA VAL A 55 50.52 -16.77 46.34
C VAL A 55 49.93 -18.19 46.50
N ARG A 56 48.65 -18.31 46.08
CA ARG A 56 48.01 -19.61 45.92
C ARG A 56 48.46 -20.22 44.59
N VAL A 57 49.11 -21.41 44.69
CA VAL A 57 49.65 -22.09 43.52
C VAL A 57 48.60 -22.63 42.51
N ASN A 58 47.30 -22.78 42.92
CA ASN A 58 46.10 -23.12 42.12
C ASN A 58 45.47 -21.94 41.30
N SER A 59 46.11 -20.75 41.34
CA SER A 59 45.76 -19.57 40.53
C SER A 59 46.00 -19.75 39.04
N ALA A 60 45.12 -19.15 38.25
CA ALA A 60 45.14 -19.07 36.79
C ALA A 60 46.38 -18.28 36.41
N SER A 61 46.77 -17.26 37.23
CA SER A 61 47.89 -16.38 36.90
C SER A 61 49.23 -17.12 37.03
N LEU A 62 49.21 -18.29 37.70
CA LEU A 62 50.31 -19.26 37.88
C LEU A 62 50.27 -20.53 37.01
N ILE A 63 49.51 -20.49 35.93
CA ILE A 63 49.52 -21.46 34.83
C ILE A 63 49.91 -20.72 33.57
N PHE A 64 50.82 -21.33 32.79
CA PHE A 64 51.47 -20.79 31.63
C PHE A 64 51.12 -21.64 30.41
N ASP A 65 50.53 -20.96 29.42
CA ASP A 65 50.41 -21.46 28.05
C ASP A 65 51.83 -21.65 27.51
N GLN A 66 51.99 -22.50 26.48
CA GLN A 66 53.16 -22.58 25.59
C GLN A 66 53.68 -21.23 25.04
N SER A 67 52.80 -20.26 24.72
CA SER A 67 53.11 -18.94 24.15
C SER A 67 53.88 -18.06 25.14
N GLY A 68 53.61 -18.24 26.44
CA GLY A 68 54.17 -17.35 27.46
C GLY A 68 53.10 -16.59 28.25
N LYS A 69 51.86 -16.49 27.68
CA LYS A 69 50.65 -16.09 28.38
C LYS A 69 50.36 -17.04 29.54
N THR A 70 50.03 -16.44 30.70
CA THR A 70 49.25 -16.93 31.85
C THR A 70 47.87 -17.37 31.36
N GLN A 71 47.32 -18.33 32.17
CA GLN A 71 45.94 -18.78 31.95
C GLN A 71 44.97 -17.64 32.22
N GLN A 72 45.27 -16.80 33.26
CA GLN A 72 44.51 -15.60 33.58
C GLN A 72 44.36 -14.66 32.39
N GLU A 73 45.53 -14.36 31.71
CA GLU A 73 45.72 -13.51 30.55
C GLU A 73 44.90 -14.08 29.39
N ILE A 74 44.90 -15.41 29.22
CA ILE A 74 44.11 -16.19 28.23
C ILE A 74 42.60 -16.10 28.49
N ASN A 75 42.15 -16.29 29.76
CA ASN A 75 40.72 -16.19 30.10
C ASN A 75 40.19 -14.75 29.86
N ASP A 76 41.03 -13.77 30.25
CA ASP A 76 40.72 -12.35 30.11
C ASP A 76 40.52 -11.93 28.63
N SER A 77 41.49 -12.30 27.74
CA SER A 77 41.39 -12.00 26.30
C SER A 77 40.31 -12.79 25.58
N GLN A 78 40.20 -14.12 25.85
CA GLN A 78 39.14 -15.00 25.30
C GLN A 78 37.69 -14.57 25.63
N LYS A 79 37.44 -14.09 26.88
CA LYS A 79 36.12 -13.60 27.30
C LYS A 79 35.70 -12.29 26.60
N GLN A 80 36.66 -11.36 26.56
CA GLN A 80 36.53 -10.01 26.02
C GLN A 80 36.24 -10.02 24.51
N LYS A 81 36.51 -11.15 23.80
CA LYS A 81 36.06 -11.38 22.44
C LYS A 81 34.55 -11.35 22.22
N LEU A 82 33.80 -12.13 23.00
CA LEU A 82 32.35 -12.28 22.95
C LEU A 82 31.75 -12.12 24.37
N PRO A 83 31.78 -10.96 25.14
CA PRO A 83 31.02 -10.82 26.42
C PRO A 83 29.52 -11.06 26.14
N SER A 84 29.00 -12.02 26.94
CA SER A 84 27.62 -12.53 26.99
C SER A 84 26.88 -12.17 28.32
N LEU A 85 25.52 -12.20 28.09
CA LEU A 85 24.55 -12.17 29.19
C LEU A 85 24.83 -13.24 30.23
N LYS A 86 25.10 -14.50 29.79
CA LYS A 86 25.41 -15.65 30.61
C LYS A 86 26.71 -15.54 31.41
N ASP A 87 27.72 -14.77 30.90
CA ASP A 87 28.92 -14.36 31.65
C ASP A 87 28.58 -13.56 32.92
N TYR A 88 27.50 -12.72 32.85
CA TYR A 88 26.88 -11.91 33.90
C TYR A 88 25.82 -12.64 34.75
N GLY A 89 25.72 -13.98 34.54
CA GLY A 89 24.92 -14.95 35.30
C GLY A 89 23.42 -14.92 34.97
N ALA A 90 23.10 -14.51 33.72
CA ALA A 90 21.78 -14.72 33.17
C ALA A 90 21.69 -16.23 32.94
N VAL A 91 20.50 -16.70 33.32
CA VAL A 91 20.00 -18.08 33.15
C VAL A 91 18.70 -18.21 32.32
N SER A 92 18.84 -19.13 31.35
CA SER A 92 17.79 -19.52 30.44
C SER A 92 16.72 -20.26 31.23
N GLY A 93 15.49 -19.73 31.12
CA GLY A 93 14.34 -20.21 31.86
C GLY A 93 14.27 -19.67 33.29
N GLN A 94 15.13 -18.67 33.62
CA GLN A 94 15.05 -17.91 34.86
C GLN A 94 14.93 -16.41 34.55
N ASP A 95 14.39 -15.70 35.54
CA ASP A 95 14.45 -14.27 35.69
C ASP A 95 15.92 -13.84 35.72
N SER A 96 16.27 -13.02 34.70
CA SER A 96 17.64 -12.67 34.34
C SER A 96 17.88 -11.16 34.31
N THR A 97 16.86 -10.42 34.77
CA THR A 97 16.71 -8.98 34.70
C THR A 97 17.96 -8.26 35.18
N ALA A 98 18.33 -8.55 36.44
CA ALA A 98 19.45 -7.93 37.13
C ALA A 98 20.70 -8.11 36.27
N ALA A 99 21.02 -9.38 35.95
CA ALA A 99 22.16 -9.89 35.16
C ALA A 99 22.23 -9.21 33.79
N ILE A 100 21.09 -9.14 33.08
CA ILE A 100 20.97 -8.45 31.81
C ILE A 100 21.44 -6.98 31.91
N LYS A 101 20.81 -6.22 32.85
CA LYS A 101 21.04 -4.78 33.02
C LYS A 101 22.50 -4.51 33.41
N ALA A 102 23.06 -5.39 34.27
CA ALA A 102 24.48 -5.47 34.64
C ALA A 102 25.35 -5.60 33.40
N ALA A 103 24.98 -6.57 32.51
CA ALA A 103 25.74 -6.83 31.28
C ALA A 103 25.81 -5.59 30.39
N ILE A 104 24.66 -4.92 30.21
CA ILE A 104 24.47 -3.75 29.34
C ILE A 104 25.27 -2.56 29.86
N ALA A 105 25.10 -2.25 31.15
CA ALA A 105 25.81 -1.17 31.82
C ALA A 105 27.31 -1.28 31.64
N ALA A 106 27.89 -2.52 31.59
CA ALA A 106 29.32 -2.89 31.61
C ALA A 106 29.97 -3.02 30.20
N GLU A 107 29.21 -3.37 29.14
CA GLU A 107 29.82 -3.93 27.94
C GLU A 107 29.30 -3.22 26.69
N ASP A 108 30.23 -2.62 25.96
CA ASP A 108 29.94 -1.84 24.75
C ASP A 108 29.59 -2.73 23.56
N PHE A 109 30.32 -3.85 23.53
CA PHE A 109 29.94 -4.91 22.63
C PHE A 109 29.32 -6.05 23.48
N LEU A 110 28.16 -6.67 23.04
CA LEU A 110 27.46 -7.66 23.90
C LEU A 110 26.69 -8.67 23.01
N TYR A 111 26.88 -9.95 23.45
CA TYR A 111 26.29 -11.13 22.90
C TYR A 111 25.20 -11.55 23.88
N PHE A 112 24.00 -11.55 23.28
CA PHE A 112 22.77 -12.11 23.90
C PHE A 112 22.81 -13.62 24.18
N GLY A 113 23.33 -14.40 23.19
CA GLY A 113 23.13 -15.84 23.19
C GLY A 113 22.45 -16.34 21.94
N ASP A 114 21.98 -17.59 22.11
CA ASP A 114 21.50 -18.33 20.98
C ASP A 114 20.02 -18.75 21.09
N ILE A 115 19.57 -19.54 20.08
CA ILE A 115 18.24 -20.13 19.92
C ILE A 115 17.80 -20.95 21.16
N GLY A 116 18.70 -21.62 21.91
CA GLY A 116 18.35 -22.34 23.13
C GLY A 116 18.19 -21.50 24.39
N ASP A 117 18.47 -20.19 24.28
CA ASP A 117 18.31 -19.22 25.36
C ASP A 117 16.96 -18.53 25.34
N ASN A 118 16.39 -18.65 26.56
CA ASN A 118 15.18 -17.89 26.82
C ASN A 118 15.26 -17.15 28.15
N PHE A 119 15.58 -15.82 28.16
CA PHE A 119 15.76 -15.09 29.41
C PHE A 119 14.42 -14.46 29.78
N ILE A 120 14.05 -14.68 31.07
CA ILE A 120 12.86 -14.07 31.66
C ILE A 120 13.19 -12.67 32.22
N VAL A 121 12.36 -11.69 31.80
CA VAL A 121 12.61 -10.29 32.11
C VAL A 121 11.39 -9.67 32.83
N SER A 122 11.63 -9.15 34.04
CA SER A 122 10.73 -8.55 35.05
C SER A 122 10.60 -7.04 34.93
N GLU A 123 11.60 -6.42 34.28
CA GLU A 123 11.75 -5.00 34.05
C GLU A 123 12.28 -4.80 32.64
N GLN A 124 11.76 -3.73 32.01
CA GLN A 124 12.15 -3.17 30.73
C GLN A 124 13.69 -3.09 30.70
N ILE A 125 14.22 -3.71 29.64
CA ILE A 125 15.63 -3.67 29.20
C ILE A 125 15.91 -2.53 28.19
N ASP A 126 16.64 -1.52 28.73
CA ASP A 126 17.15 -0.32 28.10
C ASP A 126 18.50 -0.72 27.50
N LEU A 127 18.59 -0.65 26.17
CA LEU A 127 19.88 -0.61 25.48
C LEU A 127 20.68 0.69 25.80
N ARG A 128 22.00 0.70 25.44
CA ARG A 128 22.83 1.89 25.62
C ARG A 128 23.40 2.46 24.33
N ASP A 129 23.56 3.79 24.33
CA ASP A 129 24.11 4.57 23.22
C ASP A 129 25.48 4.08 22.75
N GLY A 130 25.54 3.94 21.42
CA GLY A 130 26.66 3.57 20.54
C GLY A 130 27.10 2.10 20.60
N CYS A 131 26.36 1.27 21.36
CA CYS A 131 26.70 -0.11 21.63
C CYS A 131 26.33 -0.94 20.39
N TYR A 132 27.06 -2.08 20.36
CA TYR A 132 26.89 -3.11 19.33
C TYR A 132 26.48 -4.40 20.07
N TYR A 133 25.32 -4.97 19.64
CA TYR A 133 24.72 -6.17 20.17
C TYR A 133 24.65 -7.14 18.99
N VAL A 134 25.16 -8.34 19.33
CA VAL A 134 24.95 -9.58 18.54
C VAL A 134 23.99 -10.59 19.24
N SER A 135 23.26 -11.33 18.35
CA SER A 135 22.22 -12.29 18.81
C SER A 135 21.99 -13.35 17.73
N ASN A 136 22.12 -14.63 18.19
CA ASN A 136 21.94 -15.88 17.45
C ASN A 136 20.57 -16.54 17.73
N GLY A 137 19.47 -15.76 17.82
CA GLY A 137 18.19 -16.39 18.13
C GLY A 137 17.74 -16.35 19.59
N ALA A 138 18.51 -15.73 20.53
CA ALA A 138 18.20 -15.39 21.94
C ALA A 138 16.78 -14.81 22.02
N LYS A 139 16.07 -15.55 22.90
CA LYS A 139 14.74 -15.15 23.25
C LYS A 139 14.67 -14.42 24.59
N PHE A 140 13.79 -13.40 24.63
CA PHE A 140 13.41 -12.72 25.89
C PHE A 140 11.90 -12.86 26.09
N THR A 141 11.58 -13.25 27.33
CA THR A 141 10.19 -13.46 27.77
C THR A 141 9.81 -12.49 28.90
N ALA A 142 8.70 -11.78 28.68
CA ALA A 142 8.08 -10.97 29.74
C ALA A 142 7.46 -11.79 30.91
N ALA A 143 7.64 -11.33 32.13
CA ALA A 143 7.03 -11.68 33.40
C ALA A 143 6.50 -10.40 34.06
N LEU A 144 5.44 -10.56 34.89
CA LEU A 144 4.92 -9.61 35.87
C LEU A 144 5.98 -8.68 36.48
N GLY A 145 5.57 -7.41 36.62
CA GLY A 145 6.43 -6.29 37.00
C GLY A 145 6.94 -5.49 35.80
N ILE A 146 7.08 -6.11 34.58
CA ILE A 146 7.56 -5.41 33.39
C ILE A 146 6.74 -4.15 33.03
N GLU A 147 5.43 -4.15 33.37
CA GLU A 147 4.48 -3.07 33.12
C GLU A 147 4.91 -1.80 33.87
N GLY A 148 5.74 -1.99 34.92
CA GLY A 148 6.38 -0.99 35.75
C GLY A 148 5.39 -0.24 36.66
N SER A 149 5.73 1.01 37.00
CA SER A 149 5.02 1.82 37.99
C SER A 149 3.69 2.36 37.45
N GLN A 150 2.73 2.51 38.39
CA GLN A 150 1.46 3.22 38.23
C GLN A 150 1.65 4.72 38.00
N PRO A 151 0.58 5.50 37.67
CA PRO A 151 0.18 5.81 36.27
C PRO A 151 0.99 5.11 35.18
N TYR A 152 0.39 4.04 34.63
CA TYR A 152 1.04 3.16 33.66
C TYR A 152 1.36 3.95 32.38
N THR A 153 2.65 3.86 32.01
CA THR A 153 3.23 4.35 30.76
C THR A 153 3.78 3.15 29.96
N PRO A 154 3.74 3.18 28.58
CA PRO A 154 4.21 2.12 27.70
C PRO A 154 5.62 1.62 27.94
N LYS A 155 5.76 0.30 27.96
CA LYS A 155 7.03 -0.39 28.19
C LYS A 155 7.24 -1.43 27.12
N SER A 156 8.50 -1.82 26.99
CA SER A 156 8.93 -2.96 26.21
C SER A 156 9.90 -3.90 26.93
N ILE A 157 10.09 -5.08 26.33
CA ILE A 157 11.05 -6.10 26.79
C ILE A 157 12.39 -5.43 26.53
N ILE A 158 12.70 -5.22 25.22
CA ILE A 158 13.89 -4.44 24.85
C ILE A 158 13.46 -3.07 24.37
N ASN A 159 14.16 -2.08 24.94
CA ASN A 159 13.84 -0.69 24.72
C ASN A 159 15.06 0.04 24.18
N ALA A 160 14.80 0.88 23.17
CA ALA A 160 15.80 1.90 22.81
C ALA A 160 15.30 3.35 22.71
N SER A 161 14.19 3.68 23.39
CA SER A 161 13.73 5.05 23.63
C SER A 161 14.85 6.00 24.08
N GLY A 162 15.04 7.02 23.20
CA GLY A 162 16.00 8.12 23.29
C GLY A 162 17.48 7.75 23.06
N LYS A 163 17.72 6.59 22.42
CA LYS A 163 19.03 6.04 22.13
C LYS A 163 19.55 6.43 20.74
N VAL A 164 20.89 6.59 20.73
CA VAL A 164 21.68 6.99 19.58
C VAL A 164 22.70 5.91 19.22
N GLY A 165 22.72 5.58 17.90
CA GLY A 165 23.77 4.79 17.26
C GLY A 165 24.03 3.38 17.76
N ILE A 166 23.00 2.67 18.27
CA ILE A 166 22.92 1.21 18.43
C ILE A 166 23.17 0.48 17.10
N ASN A 167 24.02 -0.57 17.24
CA ASN A 167 23.89 -1.63 16.24
C ASN A 167 23.42 -2.97 16.82
N ILE A 168 22.48 -3.64 16.11
CA ILE A 168 22.11 -5.04 16.42
C ILE A 168 22.37 -5.90 15.17
N SER A 169 23.22 -6.92 15.40
CA SER A 169 23.61 -7.92 14.44
C SER A 169 22.99 -9.26 14.83
N GLY A 170 22.12 -9.74 13.91
CA GLY A 170 21.48 -11.05 14.11
C GLY A 170 19.99 -10.97 14.46
N LEU A 171 19.53 -11.95 15.25
CA LEU A 171 18.11 -12.24 15.56
C LEU A 171 17.82 -12.28 17.05
N VAL A 172 16.85 -11.37 17.41
CA VAL A 172 16.33 -11.27 18.76
C VAL A 172 14.87 -11.68 18.65
N ARG A 173 14.57 -12.48 19.71
CA ARG A 173 13.22 -13.01 19.82
C ARG A 173 12.58 -12.55 21.12
N THR A 174 11.27 -12.21 20.98
CA THR A 174 10.52 -11.64 22.11
C THR A 174 9.26 -12.51 22.27
N HIS A 175 8.85 -12.76 23.53
CA HIS A 175 7.61 -13.45 23.86
C HIS A 175 6.87 -12.67 24.95
N ILE A 176 5.67 -12.26 24.58
CA ILE A 176 4.75 -11.66 25.56
C ILE A 176 3.51 -12.52 25.57
N ASP A 177 3.21 -13.03 26.80
CA ASP A 177 1.91 -13.62 27.07
C ASP A 177 1.01 -12.56 27.70
N HIS A 178 0.07 -12.00 26.91
CA HIS A 178 -0.98 -11.08 27.40
C HIS A 178 -1.78 -11.64 28.62
N ASN A 179 -1.99 -12.97 28.79
CA ASN A 179 -2.80 -13.54 29.88
C ASN A 179 -2.32 -13.26 31.31
N ILE A 180 -1.05 -12.83 31.50
CA ILE A 180 -0.38 -12.50 32.78
C ILE A 180 -0.79 -11.09 33.26
N PHE A 181 -1.11 -10.21 32.30
CA PHE A 181 -1.26 -8.76 32.43
C PHE A 181 -2.72 -8.26 32.32
N SER A 182 -3.65 -9.13 31.91
CA SER A 182 -5.07 -8.89 31.62
C SER A 182 -5.93 -8.43 32.81
N ALA A 183 -5.46 -8.63 34.07
CA ALA A 183 -6.17 -8.24 35.29
C ALA A 183 -5.81 -6.83 35.78
N LEU A 184 -4.74 -6.23 35.22
CA LEU A 184 -4.12 -4.97 35.65
C LEU A 184 -4.79 -3.73 35.02
N GLY A 185 -4.60 -2.57 35.68
CA GLY A 185 -5.29 -1.29 35.54
C GLY A 185 -6.79 -1.31 35.83
N ASP A 186 -7.53 -0.49 35.06
CA ASP A 186 -8.96 -0.24 35.12
C ASP A 186 -9.44 0.31 33.77
N ALA A 187 -10.65 0.89 33.79
CA ALA A 187 -11.32 1.70 32.78
C ALA A 187 -10.41 2.78 32.15
N ASN A 188 -9.70 3.57 32.98
CA ASN A 188 -8.93 4.75 32.56
C ASN A 188 -7.45 4.49 32.22
N SER A 189 -6.76 3.55 32.91
CA SER A 189 -5.32 3.29 32.88
C SER A 189 -5.07 1.78 32.77
N LYS A 190 -4.23 1.35 31.80
CA LYS A 190 -3.82 -0.05 31.56
C LYS A 190 -2.32 -0.12 31.24
N PRO A 191 -1.58 -1.27 31.49
CA PRO A 191 -0.29 -1.54 30.84
C PRO A 191 -0.32 -1.49 29.30
N THR A 192 0.80 -1.03 28.74
CA THR A 192 1.14 -1.18 27.33
C THR A 192 2.52 -1.79 27.29
N ILE A 193 2.57 -2.97 26.67
CA ILE A 193 3.77 -3.82 26.64
C ILE A 193 4.10 -4.24 25.22
N SER A 194 5.12 -3.56 24.67
CA SER A 194 5.73 -3.91 23.39
C SER A 194 6.83 -4.95 23.52
N GLY A 195 6.96 -5.76 22.46
CA GLY A 195 8.17 -6.56 22.23
C GLY A 195 9.52 -5.79 22.19
N PHE A 196 9.39 -4.79 21.28
CA PHE A 196 10.45 -3.78 21.11
C PHE A 196 9.70 -2.48 20.91
N LEU A 197 10.20 -1.44 21.63
CA LEU A 197 9.87 -0.04 21.49
C LEU A 197 11.18 0.79 21.39
N ALA A 198 11.09 1.77 20.48
CA ALA A 198 12.06 2.84 20.40
C ALA A 198 11.34 4.10 20.03
N ASP A 199 11.28 4.98 21.05
CA ASP A 199 10.66 6.27 20.87
C ASP A 199 11.86 7.23 20.90
N ALA A 200 12.03 8.11 19.88
CA ALA A 200 13.04 9.18 19.76
C ALA A 200 14.47 8.62 19.65
N ALA A 201 14.59 7.50 18.94
CA ALA A 201 15.86 6.88 18.59
C ALA A 201 16.39 7.53 17.32
N ILE A 202 17.74 7.64 17.25
CA ILE A 202 18.47 8.29 16.18
C ILE A 202 19.60 7.35 15.77
N ASP A 203 19.60 7.12 14.44
CA ASP A 203 20.62 6.42 13.64
C ASP A 203 21.02 5.08 14.29
N CYS A 204 20.05 4.17 14.37
CA CYS A 204 20.12 2.85 14.97
C CYS A 204 19.74 1.82 13.89
N ASP A 205 20.58 0.77 13.84
CA ASP A 205 20.23 -0.46 13.15
C ASP A 205 19.84 -1.47 14.24
N PHE A 206 18.53 -1.76 14.16
CA PHE A 206 17.89 -2.62 15.15
C PHE A 206 17.81 -4.10 14.86
N GLY A 207 18.66 -4.56 13.90
CA GLY A 207 18.72 -5.92 13.30
C GLY A 207 17.32 -6.48 13.07
N LYS A 208 17.15 -7.77 13.54
CA LYS A 208 16.08 -8.66 13.13
C LYS A 208 15.32 -9.10 14.37
N TRP A 209 13.97 -9.02 14.27
CA TRP A 209 13.08 -9.48 15.38
C TRP A 209 12.11 -10.58 14.93
N GLU A 210 11.90 -11.51 15.89
CA GLU A 210 10.76 -12.40 15.78
C GLU A 210 10.05 -12.37 17.14
N SER A 211 8.82 -11.83 17.09
CA SER A 211 8.08 -11.41 18.27
C SER A 211 6.64 -11.92 18.21
N VAL A 212 6.24 -12.49 19.37
CA VAL A 212 4.88 -13.00 19.59
C VAL A 212 4.29 -12.25 20.78
N GLY A 213 3.12 -11.63 20.44
CA GLY A 213 2.33 -11.02 21.48
C GLY A 213 2.82 -9.64 21.89
N SER A 214 1.79 -8.95 22.37
CA SER A 214 1.85 -7.68 23.06
C SER A 214 0.64 -7.58 24.03
N VAL A 215 0.63 -6.45 24.76
CA VAL A 215 -0.28 -6.07 25.82
C VAL A 215 -0.60 -4.63 25.53
N ASN A 216 -1.85 -4.49 25.17
CA ASN A 216 -2.46 -3.24 24.78
C ASN A 216 -3.98 -3.35 24.76
N TYR A 217 -4.53 -3.61 25.96
CA TYR A 217 -5.95 -3.56 26.30
C TYR A 217 -6.46 -2.13 26.28
N TYR A 218 -7.71 -2.05 25.79
CA TYR A 218 -8.48 -0.83 25.60
C TYR A 218 -8.75 -0.17 26.94
N TYR A 219 -8.32 1.10 27.02
CA TYR A 219 -8.63 2.04 28.09
C TYR A 219 -9.33 3.25 27.48
N THR A 220 -10.27 3.83 28.26
CA THR A 220 -11.35 4.67 27.73
C THR A 220 -10.85 6.04 27.24
N PRO A 221 -10.12 6.92 28.02
CA PRO A 221 -9.54 8.15 27.46
C PRO A 221 -8.07 8.11 27.01
N ASN A 222 -7.85 8.75 25.85
CA ASN A 222 -6.59 9.01 25.17
C ASN A 222 -5.87 7.70 24.83
N PHE A 223 -6.60 6.71 24.27
CA PHE A 223 -6.05 5.39 23.95
C PHE A 223 -4.95 5.49 22.89
N LYS A 224 -3.77 4.93 23.28
CA LYS A 224 -2.59 4.87 22.43
C LYS A 224 -2.32 3.40 22.06
N GLU A 225 -2.49 3.11 20.74
CA GLU A 225 -2.07 1.81 20.23
C GLU A 225 -0.54 1.75 20.11
N TYR A 226 0.02 0.64 20.55
CA TYR A 226 1.39 0.26 20.31
C TYR A 226 1.47 -1.05 19.51
N GLY A 227 2.53 -1.09 18.69
CA GLY A 227 2.93 -2.29 18.00
C GLY A 227 3.47 -3.35 18.96
N ILE A 228 3.48 -4.58 18.50
CA ILE A 228 4.38 -5.67 18.95
C ILE A 228 5.84 -5.17 18.82
N VAL A 229 6.12 -4.58 17.63
CA VAL A 229 7.39 -3.95 17.31
C VAL A 229 7.04 -2.51 16.95
N ASP A 230 7.64 -1.61 17.77
CA ASP A 230 7.23 -0.18 17.71
C ASP A 230 8.44 0.79 17.65
N LEU A 231 8.39 1.63 16.59
CA LEU A 231 9.38 2.72 16.44
C LEU A 231 8.54 3.99 16.20
N ARG A 232 8.73 4.85 17.20
CA ARG A 232 8.00 6.10 17.31
C ARG A 232 8.98 7.30 17.30
N ASN A 233 8.63 8.39 16.56
CA ASN A 233 9.36 9.65 16.68
C ASN A 233 10.88 9.52 16.50
N SER A 234 11.36 8.56 15.69
CA SER A 234 12.72 8.17 15.47
C SER A 234 13.21 8.76 14.15
N ILE A 235 14.56 8.78 13.99
CA ILE A 235 15.24 9.29 12.80
C ILE A 235 16.32 8.30 12.37
N ASP A 236 16.36 8.02 11.05
CA ASP A 236 17.38 7.21 10.38
C ASP A 236 17.51 5.81 11.03
N CYS A 237 16.40 5.19 11.48
CA CYS A 237 16.42 3.85 12.08
C CYS A 237 15.95 2.77 11.07
N TYR A 238 16.62 1.59 11.20
CA TYR A 238 16.39 0.40 10.38
C TYR A 238 15.99 -0.73 11.33
N ILE A 239 14.92 -1.48 10.98
CA ILE A 239 14.62 -2.75 11.67
C ILE A 239 14.09 -3.71 10.59
N GLU A 240 14.28 -4.98 10.90
CA GLU A 240 13.54 -6.13 10.44
C GLU A 240 12.75 -6.76 11.59
N ALA A 241 11.50 -7.12 11.26
CA ALA A 241 10.60 -7.63 12.30
C ALA A 241 9.59 -8.65 11.69
N ASP A 242 9.35 -9.72 12.49
CA ASP A 242 8.45 -10.81 12.10
C ASP A 242 7.49 -11.07 13.27
N VAL A 243 6.21 -10.54 13.17
CA VAL A 243 5.40 -10.61 14.36
C VAL A 243 4.12 -11.42 14.13
N ASN A 244 3.77 -12.04 15.31
CA ASN A 244 2.48 -12.71 15.50
C ASN A 244 1.65 -12.06 16.62
N GLY A 245 0.40 -11.60 16.22
CA GLY A 245 -0.52 -10.99 17.23
C GLY A 245 -1.53 -11.96 17.90
N ARG A 246 -1.51 -13.23 17.54
CA ARG A 246 -2.36 -14.33 18.03
C ARG A 246 -3.88 -14.22 17.67
N TRP A 247 -4.33 -13.18 16.95
CA TRP A 247 -5.71 -13.12 16.45
C TRP A 247 -6.00 -14.40 15.64
N THR A 248 -7.04 -15.18 16.01
CA THR A 248 -7.50 -16.42 15.34
C THR A 248 -6.78 -17.68 15.87
N GLU A 249 -5.75 -17.50 16.72
CA GLU A 249 -5.00 -18.54 17.42
C GLU A 249 -5.42 -18.72 18.89
N GLU A 250 -6.31 -17.84 19.36
CA GLU A 250 -6.84 -17.76 20.72
C GLU A 250 -8.27 -17.22 20.74
N THR A 251 -8.95 -17.46 21.90
CA THR A 251 -10.14 -16.73 22.27
C THR A 251 -9.79 -15.95 23.53
N THR A 252 -10.34 -14.72 23.52
CA THR A 252 -10.08 -13.63 24.44
C THR A 252 -11.36 -12.83 24.65
N ALA A 253 -11.55 -12.41 25.91
CA ALA A 253 -12.65 -11.57 26.40
C ALA A 253 -12.66 -10.22 25.68
N SER A 254 -11.54 -9.49 25.79
CA SER A 254 -11.22 -8.20 25.21
C SER A 254 -10.02 -8.36 24.28
N THR A 255 -9.97 -7.43 23.31
CA THR A 255 -8.86 -7.03 22.44
C THR A 255 -7.56 -6.82 23.21
N PRO A 256 -6.63 -7.83 23.17
CA PRO A 256 -5.39 -7.77 23.92
C PRO A 256 -4.21 -6.92 23.45
N SER A 257 -4.09 -6.82 22.14
CA SER A 257 -2.99 -6.33 21.33
C SER A 257 -3.65 -5.66 20.15
N THR A 258 -2.88 -4.82 19.49
CA THR A 258 -3.37 -3.94 18.46
C THR A 258 -2.63 -4.25 17.17
N VAL A 259 -1.64 -3.37 16.86
CA VAL A 259 -0.86 -3.20 15.63
C VAL A 259 0.27 -4.25 15.82
N GLY A 260 0.55 -4.94 14.71
CA GLY A 260 1.77 -5.74 14.60
C GLY A 260 3.09 -4.97 14.70
N ILE A 261 3.37 -4.36 13.53
CA ILE A 261 4.59 -3.55 13.46
C ILE A 261 4.07 -2.10 13.19
N MET A 262 4.55 -1.17 14.07
CA MET A 262 4.08 0.23 14.18
C MET A 262 5.24 1.24 14.21
N GLY A 263 5.19 1.95 13.07
CA GLY A 263 6.02 3.13 12.85
C GLY A 263 5.23 4.42 12.80
N SER A 264 5.60 5.41 13.70
CA SER A 264 4.77 6.58 13.80
C SER A 264 5.61 7.81 14.10
N ASN A 265 5.32 8.89 13.32
CA ASN A 265 6.06 10.15 13.27
C ASN A 265 7.61 9.99 13.13
N ASN A 266 8.04 9.03 12.29
CA ASN A 266 9.43 8.70 11.94
C ASN A 266 9.99 9.61 10.85
N LYS A 267 11.31 9.83 10.75
CA LYS A 267 11.94 10.46 9.59
C LYS A 267 13.09 9.57 9.10
N GLY A 268 12.88 9.00 7.92
CA GLY A 268 13.92 8.29 7.18
C GLY A 268 14.12 6.86 7.71
N CYS A 269 13.04 6.22 8.20
CA CYS A 269 13.13 4.91 8.84
C CYS A 269 12.66 3.79 7.89
N TYR A 270 13.46 2.70 7.86
CA TYR A 270 13.32 1.55 6.96
C TYR A 270 12.83 0.34 7.78
N LEU A 271 11.76 -0.27 7.18
CA LEU A 271 11.30 -1.60 7.65
C LEU A 271 11.32 -2.69 6.58
N LYS A 272 11.88 -3.84 7.00
CA LYS A 272 11.55 -5.16 6.44
C LYS A 272 10.61 -5.88 7.41
N GLY A 273 9.37 -6.17 6.92
CA GLY A 273 8.22 -6.36 7.79
C GLY A 273 7.44 -7.57 7.34
N ARG A 274 7.16 -8.41 8.36
CA ARG A 274 6.21 -9.53 8.28
C ARG A 274 5.32 -9.53 9.53
N ALA A 275 4.00 -9.52 9.30
CA ALA A 275 2.97 -9.46 10.34
C ALA A 275 1.90 -10.49 9.99
N LYS A 276 1.44 -11.17 11.07
CA LYS A 276 0.24 -11.98 11.03
C LYS A 276 -0.58 -11.82 12.33
N ASN A 277 -1.86 -12.17 12.13
CA ASN A 277 -2.78 -12.48 13.23
C ASN A 277 -2.89 -11.25 14.13
N CYS A 278 -3.13 -10.08 13.53
CA CYS A 278 -3.10 -8.87 14.31
C CYS A 278 -4.57 -8.48 14.41
N TYR A 279 -4.88 -8.01 15.67
CA TYR A 279 -6.21 -7.51 15.96
C TYR A 279 -6.51 -6.10 15.45
N TRP A 280 -5.45 -5.27 15.32
CA TRP A 280 -5.58 -4.13 14.45
C TRP A 280 -4.83 -4.35 13.13
N SER A 281 -4.23 -3.28 12.64
CA SER A 281 -3.29 -3.24 11.50
C SER A 281 -2.11 -4.24 11.73
N GLY A 282 -1.82 -4.91 10.55
CA GLY A 282 -0.61 -5.73 10.44
C GLY A 282 0.63 -4.87 10.61
N ILE A 283 0.80 -4.04 9.60
CA ILE A 283 1.91 -3.08 9.64
C ILE A 283 1.26 -1.71 9.44
N LEU A 284 1.71 -0.77 10.31
CA LEU A 284 1.49 0.66 10.09
C LEU A 284 2.87 1.33 10.02
N TRP A 285 3.04 2.19 8.98
CA TRP A 285 4.24 2.99 8.88
C TRP A 285 3.91 4.38 8.37
N GLU A 286 4.13 5.32 9.29
CA GLU A 286 3.81 6.73 9.26
C GLU A 286 5.09 7.51 9.48
N GLY A 287 5.25 8.49 8.61
CA GLY A 287 6.27 9.51 8.78
C GLY A 287 6.77 10.06 7.45
N GLU A 288 8.03 10.52 7.51
CA GLU A 288 8.67 11.26 6.43
C GLU A 288 9.89 10.52 5.93
N ASP A 289 9.77 10.18 4.64
CA ASP A 289 10.82 9.52 3.85
C ASP A 289 11.02 8.09 4.37
N CYS A 290 10.01 7.48 4.98
CA CYS A 290 10.13 6.11 5.47
C CYS A 290 9.88 5.14 4.32
N VAL A 291 10.41 3.92 4.48
CA VAL A 291 10.33 2.85 3.46
C VAL A 291 9.87 1.60 4.22
N VAL A 292 8.84 0.98 3.61
CA VAL A 292 8.41 -0.41 3.83
C VAL A 292 8.79 -1.38 2.66
N ASP A 293 9.88 -2.15 3.01
CA ASP A 293 10.45 -2.94 1.92
C ASP A 293 9.86 -4.34 1.89
N GLY A 294 9.06 -4.63 0.83
CA GLY A 294 8.23 -5.84 0.61
C GLY A 294 7.45 -6.30 1.86
N PRO A 295 6.51 -5.47 2.43
CA PRO A 295 5.75 -5.96 3.57
C PRO A 295 4.90 -7.16 3.23
N HIS A 296 5.03 -8.09 4.18
CA HIS A 296 4.35 -9.38 3.95
C HIS A 296 3.33 -9.55 5.09
N VAL A 297 2.01 -9.42 4.76
CA VAL A 297 0.97 -9.41 5.82
C VAL A 297 -0.02 -10.53 5.46
N ARG A 298 -0.37 -11.29 6.53
CA ARG A 298 -1.42 -12.30 6.54
C ARG A 298 -2.36 -12.19 7.76
N ASN A 299 -3.70 -12.26 7.44
CA ASN A 299 -4.82 -12.57 8.37
C ASN A 299 -4.93 -11.59 9.56
N THR A 300 -5.42 -10.38 9.19
CA THR A 300 -5.33 -9.28 10.13
C THR A 300 -6.77 -8.77 10.22
N LYS A 301 -7.14 -8.37 11.46
CA LYS A 301 -8.47 -7.83 11.72
C LYS A 301 -8.68 -6.37 11.25
N GLY A 302 -7.60 -5.61 11.45
CA GLY A 302 -7.46 -4.29 10.86
C GLY A 302 -7.11 -4.41 9.38
N SER A 303 -6.73 -3.26 8.82
CA SER A 303 -6.09 -3.20 7.51
C SER A 303 -4.73 -3.90 7.55
N ASN A 304 -4.43 -4.61 6.44
CA ASN A 304 -3.12 -5.29 6.34
C ASN A 304 -1.94 -4.33 6.48
N LEU A 305 -2.06 -3.14 5.80
CA LEU A 305 -0.98 -2.15 5.67
C LEU A 305 -1.63 -0.76 5.69
N ASN A 306 -1.19 0.11 6.67
CA ASN A 306 -1.52 1.56 6.74
C ASN A 306 -0.29 2.46 6.54
N LEU A 307 -0.35 3.33 5.46
CA LEU A 307 0.67 4.37 5.22
C LEU A 307 0.04 5.75 5.56
N ALA A 308 0.85 6.65 6.17
CA ALA A 308 0.63 8.10 6.21
C ALA A 308 1.93 8.89 6.27
N GLY A 309 1.77 10.21 6.43
CA GLY A 309 2.84 11.19 6.57
C GLY A 309 3.17 11.76 5.18
N LYS A 310 4.47 11.72 4.84
CA LYS A 310 4.95 12.41 3.65
C LYS A 310 6.06 11.59 3.03
N ASN A 311 5.93 11.24 1.72
CA ASN A 311 6.90 10.46 0.95
C ASN A 311 7.27 9.13 1.64
N THR A 312 6.22 8.43 2.12
CA THR A 312 6.35 7.09 2.69
C THR A 312 5.87 6.09 1.62
N ALA A 313 6.79 5.15 1.30
CA ALA A 313 6.62 4.17 0.24
C ALA A 313 6.71 2.73 0.71
N ALA A 314 5.64 2.00 0.33
CA ALA A 314 5.74 0.56 0.40
C ALA A 314 6.03 -0.10 -0.95
N TYR A 315 7.12 -0.86 -1.01
CA TYR A 315 7.65 -1.47 -2.22
C TYR A 315 7.23 -2.95 -2.22
N ASN A 316 6.58 -3.43 -3.32
CA ASN A 316 6.48 -4.84 -3.72
C ASN A 316 5.74 -5.59 -2.58
N VAL A 317 4.54 -5.08 -2.30
CA VAL A 317 3.64 -5.53 -1.22
C VAL A 317 3.14 -6.96 -1.45
N ASP A 318 2.90 -7.68 -0.32
CA ASP A 318 2.39 -9.03 -0.40
C ASP A 318 1.37 -9.21 0.72
N LEU A 319 0.14 -8.72 0.31
CA LEU A 319 -0.92 -8.63 1.31
C LEU A 319 -2.08 -9.57 1.00
N TYR A 320 -2.47 -10.38 2.03
CA TYR A 320 -3.64 -11.27 1.95
C TYR A 320 -4.38 -11.42 3.28
N GLY A 321 -5.66 -11.01 3.24
CA GLY A 321 -6.57 -11.48 4.30
C GLY A 321 -6.73 -10.46 5.40
N SER A 322 -7.78 -9.68 5.21
CA SER A 322 -8.25 -8.62 6.10
C SER A 322 -9.78 -8.62 6.16
N GLU A 323 -10.17 -8.32 7.47
CA GLU A 323 -11.51 -7.89 7.87
C GLU A 323 -11.87 -6.49 7.38
N GLN A 324 -10.84 -5.70 6.97
CA GLN A 324 -10.96 -4.31 6.53
C GLN A 324 -10.53 -4.33 5.05
N GLY A 325 -9.43 -3.64 4.73
CA GLY A 325 -8.74 -3.70 3.46
C GLY A 325 -7.27 -4.13 3.54
N ASN A 326 -6.75 -4.40 2.33
CA ASN A 326 -5.30 -4.57 2.18
C ASN A 326 -4.51 -3.34 2.63
N ILE A 327 -4.88 -2.16 2.08
CA ILE A 327 -4.12 -0.92 2.18
C ILE A 327 -5.13 0.16 2.49
N SER A 328 -4.86 0.84 3.64
CA SER A 328 -5.27 2.21 3.84
C SER A 328 -4.08 3.14 3.63
N ILE A 329 -4.39 4.17 2.80
CA ILE A 329 -3.55 5.35 2.81
C ILE A 329 -4.27 6.48 3.58
N GLY A 330 -3.57 7.07 4.52
CA GLY A 330 -4.03 8.10 5.44
C GLY A 330 -5.19 7.80 6.40
N GLU A 331 -5.39 6.53 6.84
CA GLU A 331 -6.37 6.15 7.87
C GLU A 331 -6.01 6.78 9.21
N GLY A 332 -6.95 7.66 9.63
CA GLY A 332 -6.97 8.38 10.88
C GLY A 332 -5.85 9.42 11.02
N ALA A 333 -5.27 9.87 9.87
CA ALA A 333 -4.06 10.67 9.74
C ALA A 333 -4.34 12.12 9.36
N THR A 334 -3.47 13.01 9.88
CA THR A 334 -3.32 14.45 9.58
C THR A 334 -2.92 14.74 8.13
N GLN A 335 -2.07 13.86 7.60
CA GLN A 335 -1.24 14.07 6.44
C GLN A 335 -0.94 12.73 5.78
N ALA A 336 -1.05 12.71 4.44
CA ALA A 336 -0.77 11.53 3.60
C ALA A 336 -0.32 12.04 2.21
N GLU A 337 0.82 12.79 2.17
CA GLU A 337 1.28 13.51 0.98
C GLU A 337 2.42 12.70 0.33
N ASN A 338 2.19 12.24 -0.92
CA ASN A 338 3.11 11.41 -1.73
C ASN A 338 3.46 10.07 -1.04
N CYS A 339 2.45 9.44 -0.36
CA CYS A 339 2.51 8.12 0.24
C CYS A 339 2.14 7.05 -0.79
N ASN A 340 3.17 6.27 -1.16
CA ASN A 340 3.13 5.42 -2.35
C ASN A 340 3.20 3.90 -2.12
N VAL A 341 2.54 3.13 -2.99
CA VAL A 341 2.67 1.69 -3.02
C VAL A 341 3.23 1.36 -4.40
N VAL A 342 4.37 0.67 -4.35
CA VAL A 342 5.28 0.56 -5.50
C VAL A 342 5.32 -0.92 -5.87
N GLY A 343 4.16 -1.34 -6.43
CA GLY A 343 4.03 -2.71 -6.92
C GLY A 343 3.69 -3.63 -5.74
N GLY A 344 3.12 -4.76 -6.15
CA GLY A 344 2.84 -5.92 -5.36
C GLY A 344 1.47 -6.47 -5.68
N VAL A 345 0.96 -7.19 -4.66
CA VAL A 345 -0.24 -8.01 -4.69
C VAL A 345 -1.00 -7.77 -3.38
N ALA A 346 -2.30 -7.42 -3.63
CA ALA A 346 -3.22 -7.37 -2.52
C ALA A 346 -4.50 -8.15 -2.87
N GLY A 347 -4.80 -9.12 -2.00
CA GLY A 347 -5.97 -10.02 -2.05
C GLY A 347 -6.74 -10.26 -0.73
N ASN A 348 -8.04 -10.70 -0.85
CA ASN A 348 -8.94 -11.03 0.26
C ASN A 348 -9.06 -10.01 1.41
N ALA A 349 -9.73 -8.95 0.98
CA ALA A 349 -10.27 -7.89 1.83
C ALA A 349 -11.80 -7.92 1.77
N LYS A 350 -12.34 -7.83 2.99
CA LYS A 350 -13.77 -7.61 3.19
C LYS A 350 -14.27 -6.34 2.48
N PHE A 351 -13.42 -5.28 2.40
CA PHE A 351 -13.84 -4.00 1.87
C PHE A 351 -12.98 -3.80 0.60
N ALA A 352 -12.04 -2.83 0.64
CA ALA A 352 -11.19 -2.46 -0.48
C ALA A 352 -9.79 -3.11 -0.32
N ASN A 353 -9.24 -3.46 -1.49
CA ASN A 353 -7.80 -3.64 -1.63
C ASN A 353 -6.97 -2.45 -1.14
N CYS A 354 -7.39 -1.24 -1.57
CA CYS A 354 -6.74 0.02 -1.28
C CYS A 354 -7.75 1.16 -1.23
N HIS A 355 -7.69 1.70 0.00
CA HIS A 355 -8.45 2.87 0.33
C HIS A 355 -7.57 4.09 0.47
N LEU A 356 -7.71 4.98 -0.54
CA LEU A 356 -7.00 6.23 -0.46
C LEU A 356 -8.01 7.24 0.12
N HIS A 357 -7.76 7.58 1.41
CA HIS A 357 -8.65 8.46 2.13
C HIS A 357 -8.59 9.91 1.66
N SER A 358 -9.62 10.72 2.04
CA SER A 358 -9.80 12.12 1.62
C SER A 358 -8.60 13.04 1.92
N VAL A 359 -7.93 12.79 3.05
CA VAL A 359 -6.61 13.36 3.36
C VAL A 359 -5.51 13.30 2.28
N THR A 360 -5.50 12.25 1.44
CA THR A 360 -4.41 11.93 0.52
C THR A 360 -4.19 13.06 -0.50
N LYS A 361 -2.86 13.35 -0.65
CA LYS A 361 -2.36 14.31 -1.65
C LYS A 361 -1.18 13.68 -2.42
N ASN A 362 -1.43 13.54 -3.76
CA ASN A 362 -0.41 13.07 -4.72
C ASN A 362 0.16 11.66 -4.41
N CYS A 363 -0.69 10.72 -3.88
CA CYS A 363 -0.36 9.34 -3.55
C CYS A 363 -0.34 8.53 -4.82
N HIS A 364 0.74 7.74 -4.98
CA HIS A 364 0.83 6.83 -6.12
C HIS A 364 0.71 5.36 -5.70
N VAL A 365 -0.27 4.65 -6.35
CA VAL A 365 -0.56 3.23 -6.08
C VAL A 365 -0.44 2.42 -7.39
N LYS A 366 0.49 1.44 -7.28
CA LYS A 366 0.61 0.48 -8.35
C LYS A 366 0.54 -0.89 -7.73
N LEU A 367 -0.42 -1.70 -8.28
CA LEU A 367 -0.90 -2.92 -7.62
C LEU A 367 -1.66 -3.87 -8.54
N PHE A 368 -1.18 -5.13 -8.28
CA PHE A 368 -2.07 -6.18 -8.70
C PHE A 368 -3.10 -6.51 -7.61
N HIS A 369 -4.43 -6.51 -7.95
CA HIS A 369 -5.40 -6.73 -6.84
C HIS A 369 -6.62 -7.53 -7.31
N TYR A 370 -7.19 -8.27 -6.31
CA TYR A 370 -8.31 -9.20 -6.46
C TYR A 370 -9.06 -9.38 -5.13
N GLY A 371 -10.20 -10.11 -5.21
CA GLY A 371 -11.05 -10.50 -4.07
C GLY A 371 -11.14 -9.47 -2.93
N TRP A 372 -11.52 -8.24 -3.36
CA TRP A 372 -12.11 -7.20 -2.55
C TRP A 372 -13.62 -7.52 -2.42
N GLY A 373 -14.32 -6.77 -1.54
CA GLY A 373 -15.73 -6.82 -1.20
C GLY A 373 -16.21 -8.19 -0.71
N GLN A 374 -15.40 -8.86 0.14
CA GLN A 374 -15.62 -10.23 0.63
C GLN A 374 -16.67 -10.29 1.74
N THR A 375 -17.07 -9.09 2.23
CA THR A 375 -18.10 -8.84 3.22
C THR A 375 -19.36 -9.57 2.76
N ALA A 376 -20.09 -10.07 3.78
CA ALA A 376 -21.48 -10.51 3.63
C ALA A 376 -22.41 -9.35 3.26
N SER A 377 -22.07 -8.11 3.71
CA SER A 377 -22.83 -6.86 3.57
C SER A 377 -23.02 -6.43 2.11
N ALA A 378 -24.18 -5.80 1.78
CA ALA A 378 -24.53 -5.34 0.43
C ALA A 378 -23.46 -4.35 -0.08
N VAL A 379 -23.27 -4.36 -1.41
CA VAL A 379 -22.41 -3.45 -2.18
C VAL A 379 -22.53 -1.99 -1.65
N SER A 380 -21.38 -1.34 -1.44
CA SER A 380 -21.15 0.08 -1.21
C SER A 380 -19.81 0.57 -1.82
N ASP A 381 -19.51 1.87 -1.67
CA ASP A 381 -18.22 2.49 -1.97
C ASP A 381 -17.03 1.80 -1.28
N ALA A 382 -17.24 1.25 -0.05
CA ALA A 382 -16.29 0.45 0.72
C ALA A 382 -15.88 -0.85 -0.01
N THR A 383 -16.82 -1.47 -0.77
CA THR A 383 -16.57 -2.65 -1.61
C THR A 383 -16.14 -2.14 -3.00
N SER A 384 -14.84 -1.78 -3.03
CA SER A 384 -14.12 -1.44 -4.27
C SER A 384 -12.76 -2.18 -4.30
N GLY A 385 -12.17 -2.45 -5.49
CA GLY A 385 -10.73 -2.77 -5.54
C GLY A 385 -9.80 -1.66 -5.00
N ILE A 386 -9.88 -0.53 -5.77
CA ILE A 386 -9.31 0.76 -5.31
C ILE A 386 -10.48 1.77 -5.04
N ARG A 387 -10.56 2.21 -3.78
CA ARG A 387 -11.45 3.19 -3.24
C ARG A 387 -10.71 4.50 -3.05
N CYS A 388 -11.06 5.40 -3.91
CA CYS A 388 -10.15 6.57 -4.00
C CYS A 388 -10.94 7.87 -3.81
N GLN A 389 -10.39 8.51 -2.75
CA GLN A 389 -10.62 9.90 -2.52
C GLN A 389 -9.26 10.60 -2.47
N GLY A 390 -9.30 11.93 -2.31
CA GLY A 390 -8.08 12.72 -2.18
C GLY A 390 -7.79 13.60 -3.40
N THR A 391 -6.57 14.17 -3.42
CA THR A 391 -6.21 15.23 -4.37
C THR A 391 -4.98 14.77 -5.20
N GLY A 392 -5.27 14.29 -6.44
CA GLY A 392 -4.27 14.04 -7.50
C GLY A 392 -3.43 12.78 -7.39
N ASN A 393 -4.07 11.81 -6.70
CA ASN A 393 -3.64 10.43 -6.58
C ASN A 393 -3.53 9.83 -7.98
N THR A 394 -2.47 9.00 -8.10
CA THR A 394 -2.34 8.18 -9.31
C THR A 394 -2.53 6.71 -8.97
N ILE A 395 -3.46 6.08 -9.71
CA ILE A 395 -3.77 4.65 -9.66
C ILE A 395 -3.16 4.04 -10.92
N ASP A 396 -2.23 3.13 -10.68
CA ASP A 396 -2.03 2.02 -11.61
C ASP A 396 -2.56 0.69 -11.10
N SER A 397 -3.76 0.43 -11.64
CA SER A 397 -4.49 -0.80 -11.36
C SER A 397 -4.21 -1.86 -12.42
N GLU A 398 -3.78 -3.00 -11.87
CA GLU A 398 -3.98 -4.31 -12.52
C GLU A 398 -4.95 -5.22 -11.72
N PHE A 399 -6.08 -5.70 -12.35
CA PHE A 399 -7.02 -6.56 -11.63
C PHE A 399 -7.56 -7.80 -12.37
N ASP A 400 -8.00 -8.78 -11.56
CA ASP A 400 -8.72 -9.98 -12.07
C ASP A 400 -9.65 -10.53 -10.95
N VAL A 401 -10.90 -10.54 -11.44
CA VAL A 401 -12.01 -10.92 -10.58
C VAL A 401 -12.07 -12.40 -10.22
N THR A 402 -11.60 -13.31 -11.10
CA THR A 402 -11.57 -14.78 -10.94
C THR A 402 -10.42 -15.23 -10.02
N TYR A 403 -9.44 -14.33 -9.82
CA TYR A 403 -8.13 -14.64 -9.28
C TYR A 403 -8.25 -15.15 -7.84
N GLY A 404 -7.58 -16.29 -7.63
CA GLY A 404 -7.52 -17.03 -6.36
C GLY A 404 -8.88 -17.60 -5.96
N GLY A 405 -9.75 -17.91 -6.94
CA GLY A 405 -11.11 -18.43 -6.76
C GLY A 405 -11.99 -17.69 -5.74
N LEU A 406 -11.82 -16.36 -5.61
CA LEU A 406 -12.70 -15.48 -4.85
C LEU A 406 -13.63 -14.67 -5.76
N THR A 407 -14.82 -14.32 -5.24
CA THR A 407 -15.92 -13.66 -5.95
C THR A 407 -16.03 -12.25 -5.36
N VAL A 408 -15.86 -11.25 -6.24
CA VAL A 408 -15.74 -9.84 -5.84
C VAL A 408 -17.17 -9.29 -5.76
N LYS A 409 -17.25 -8.17 -5.05
CA LYS A 409 -18.40 -7.30 -4.94
C LYS A 409 -17.91 -5.86 -5.07
N GLY A 410 -18.58 -5.13 -5.96
CA GLY A 410 -18.28 -3.72 -6.23
C GLY A 410 -17.24 -3.51 -7.33
N ASP A 411 -17.10 -2.20 -7.72
CA ASP A 411 -16.22 -1.72 -8.80
C ASP A 411 -14.76 -2.03 -8.45
N ALA A 412 -14.06 -2.38 -9.58
CA ALA A 412 -12.59 -2.50 -9.64
C ALA A 412 -11.90 -1.25 -9.09
N VAL A 413 -12.33 -0.09 -9.63
CA VAL A 413 -11.90 1.23 -9.16
C VAL A 413 -13.13 2.11 -9.02
N ASN A 414 -13.04 2.85 -7.90
CA ASN A 414 -14.12 3.74 -7.49
C ASN A 414 -13.54 5.03 -6.93
N VAL A 415 -13.59 5.97 -7.86
CA VAL A 415 -13.09 7.31 -7.60
C VAL A 415 -14.36 8.22 -7.59
N TYR A 416 -14.42 9.01 -6.46
CA TYR A 416 -15.70 9.65 -6.11
C TYR A 416 -15.51 10.84 -5.15
N CYS A 417 -16.28 11.90 -5.48
CA CYS A 417 -16.59 12.98 -4.56
C CYS A 417 -18.08 12.89 -4.26
N SER A 418 -18.53 13.61 -3.23
CA SER A 418 -19.95 13.82 -3.01
C SER A 418 -20.54 15.14 -3.57
N THR A 419 -19.72 16.15 -3.93
CA THR A 419 -20.06 17.53 -4.30
C THR A 419 -18.91 18.10 -5.11
N LEU A 420 -19.29 18.98 -6.05
CA LEU A 420 -18.29 19.72 -6.83
C LEU A 420 -17.74 20.95 -6.12
N THR A 421 -18.44 21.36 -5.07
CA THR A 421 -18.09 22.48 -4.22
C THR A 421 -17.22 21.87 -3.13
N ASN A 422 -15.92 22.23 -3.20
CA ASN A 422 -14.83 21.74 -2.35
C ASN A 422 -14.80 20.19 -2.42
N PRO A 423 -14.55 19.64 -3.64
CA PRO A 423 -14.64 18.19 -3.88
C PRO A 423 -13.64 17.38 -3.05
N GLU A 424 -14.11 16.27 -2.40
CA GLU A 424 -13.30 15.27 -1.63
C GLU A 424 -12.30 14.48 -2.50
N ALA A 425 -12.56 14.41 -3.81
CA ALA A 425 -11.74 13.78 -4.82
C ALA A 425 -11.70 14.75 -5.98
N THR A 426 -10.45 15.07 -6.39
CA THR A 426 -10.19 15.91 -7.58
C THR A 426 -8.80 15.49 -8.12
N ASN A 427 -8.62 15.74 -9.44
CA ASN A 427 -7.30 15.68 -10.13
C ASN A 427 -6.65 14.28 -10.11
N ILE A 428 -7.44 13.21 -9.98
CA ILE A 428 -6.95 11.83 -9.91
C ILE A 428 -6.59 11.34 -11.33
N LYS A 429 -5.46 10.61 -11.29
CA LYS A 429 -4.99 9.93 -12.52
C LYS A 429 -5.21 8.43 -12.37
N VAL A 430 -5.88 7.90 -13.42
CA VAL A 430 -6.32 6.51 -13.42
C VAL A 430 -5.80 5.80 -14.66
N ASN A 431 -5.09 4.74 -14.37
CA ASN A 431 -4.56 3.75 -15.32
C ASN A 431 -4.94 2.32 -14.87
N VAL A 432 -5.84 1.65 -15.62
CA VAL A 432 -6.57 0.42 -15.19
C VAL A 432 -6.60 -0.61 -16.32
N VAL A 433 -6.06 -1.81 -15.94
CA VAL A 433 -6.14 -2.95 -16.85
C VAL A 433 -6.70 -4.11 -16.05
N GLY A 434 -7.62 -4.83 -16.67
CA GLY A 434 -8.00 -6.11 -16.12
C GLY A 434 -9.28 -6.68 -16.62
N ILE A 435 -9.71 -7.67 -15.87
CA ILE A 435 -10.71 -8.61 -16.32
C ILE A 435 -11.87 -8.57 -15.30
N GLY A 436 -13.00 -8.02 -15.80
CA GLY A 436 -14.32 -8.53 -15.46
C GLY A 436 -14.97 -7.78 -14.29
N ALA A 437 -14.55 -6.50 -14.11
CA ALA A 437 -15.25 -5.47 -13.32
C ALA A 437 -15.13 -4.07 -13.92
N ARG A 438 -15.94 -3.17 -13.27
CA ARG A 438 -16.17 -1.83 -13.79
C ARG A 438 -15.19 -0.84 -13.12
N VAL A 439 -14.87 0.21 -13.94
CA VAL A 439 -14.31 1.46 -13.42
C VAL A 439 -15.45 2.50 -13.39
N GLN A 440 -15.67 2.99 -12.11
CA GLN A 440 -16.57 4.13 -11.82
C GLN A 440 -15.82 5.40 -11.37
N ILE A 441 -16.16 6.50 -12.08
CA ILE A 441 -15.59 7.83 -11.81
C ILE A 441 -16.81 8.75 -11.57
N ARG A 442 -16.74 9.42 -10.38
CA ARG A 442 -17.59 10.53 -9.93
C ARG A 442 -16.82 11.63 -9.18
N ALA A 443 -15.89 12.23 -9.95
CA ALA A 443 -14.90 13.18 -9.53
C ALA A 443 -14.37 14.05 -10.68
N PRO A 444 -14.20 15.39 -10.47
CA PRO A 444 -13.65 16.34 -11.42
C PRO A 444 -12.17 16.15 -11.71
N TYR A 445 -11.84 16.52 -12.94
CA TYR A 445 -10.48 16.59 -13.48
C TYR A 445 -9.72 15.25 -13.51
N THR A 446 -10.50 14.16 -13.69
CA THR A 446 -10.03 12.76 -13.59
C THR A 446 -9.43 12.48 -14.99
N ILE A 447 -8.16 11.98 -14.98
CA ILE A 447 -7.59 11.45 -16.24
C ILE A 447 -7.70 9.90 -16.23
N VAL A 448 -8.37 9.35 -17.29
CA VAL A 448 -8.76 7.94 -17.40
C VAL A 448 -7.99 7.26 -18.56
N ASN A 449 -7.28 6.18 -18.22
CA ASN A 449 -6.85 5.21 -19.26
C ASN A 449 -7.24 3.81 -18.76
N ALA A 450 -7.94 3.10 -19.69
CA ALA A 450 -8.41 1.75 -19.33
C ALA A 450 -8.33 0.74 -20.44
N LYS A 451 -7.99 -0.52 -20.01
CA LYS A 451 -8.11 -1.71 -20.87
C LYS A 451 -8.93 -2.69 -20.02
N ILE A 452 -10.18 -2.96 -20.42
CA ILE A 452 -11.11 -3.84 -19.68
C ILE A 452 -11.66 -4.93 -20.60
N THR A 453 -11.54 -6.19 -20.09
CA THR A 453 -12.00 -7.47 -20.69
C THR A 453 -13.13 -8.06 -19.83
N GLY A 454 -14.27 -8.41 -20.48
CA GLY A 454 -15.23 -9.31 -19.85
C GLY A 454 -16.06 -8.66 -18.73
N ALA A 455 -16.22 -7.32 -18.67
CA ALA A 455 -17.20 -6.75 -17.74
C ALA A 455 -18.63 -6.98 -18.27
N THR A 456 -19.51 -7.46 -17.37
CA THR A 456 -20.92 -7.78 -17.56
C THR A 456 -21.70 -6.58 -18.17
N GLY A 457 -21.48 -5.39 -17.59
CA GLY A 457 -21.99 -4.05 -17.78
C GLY A 457 -20.99 -3.21 -18.55
N ASP A 458 -20.92 -1.91 -18.14
CA ASP A 458 -20.02 -0.89 -18.65
C ASP A 458 -18.61 -1.28 -18.20
N ALA A 459 -17.63 -1.23 -19.12
CA ALA A 459 -16.20 -1.19 -18.80
C ALA A 459 -15.91 -0.05 -17.81
N VAL A 460 -16.33 1.13 -18.25
CA VAL A 460 -16.16 2.38 -17.55
C VAL A 460 -17.51 3.13 -17.61
N VAL A 461 -17.77 3.68 -16.36
CA VAL A 461 -18.81 4.71 -16.27
C VAL A 461 -18.18 5.99 -15.65
N LEU A 462 -18.67 7.10 -16.19
CA LEU A 462 -18.46 8.44 -15.63
C LEU A 462 -19.86 8.92 -15.30
N GLY A 463 -20.00 9.13 -13.98
CA GLY A 463 -21.31 9.46 -13.43
C GLY A 463 -21.41 10.96 -13.31
N GLU A 464 -22.17 11.39 -12.29
CA GLU A 464 -22.19 12.77 -11.83
C GLU A 464 -20.81 13.22 -11.33
N ARG A 465 -20.63 14.57 -11.35
CA ARG A 465 -19.52 15.33 -10.73
C ARG A 465 -18.17 15.04 -11.45
N CYS A 466 -18.21 14.62 -12.73
CA CYS A 466 -17.00 14.43 -13.56
C CYS A 466 -16.43 15.66 -14.33
N LYS A 467 -16.96 16.89 -14.12
CA LYS A 467 -16.52 18.18 -14.65
C LYS A 467 -14.99 18.28 -14.76
N GLY A 468 -14.67 18.59 -16.02
CA GLY A 468 -13.34 18.69 -16.58
C GLY A 468 -12.44 17.43 -16.60
N SER A 469 -13.02 16.15 -16.65
CA SER A 469 -12.46 14.81 -16.84
C SER A 469 -12.06 14.62 -18.29
N ILE A 470 -10.84 14.03 -18.40
CA ILE A 470 -10.38 13.60 -19.72
C ILE A 470 -10.18 12.07 -19.62
N VAL A 471 -10.96 11.54 -20.59
CA VAL A 471 -10.90 10.12 -20.74
C VAL A 471 -10.09 10.01 -22.04
N GLU A 472 -8.82 9.68 -21.83
CA GLU A 472 -7.87 9.58 -22.93
C GLU A 472 -8.21 8.40 -23.85
N GLU A 473 -8.21 7.19 -23.28
CA GLU A 473 -8.42 5.94 -23.98
C GLU A 473 -9.11 4.92 -23.09
N VAL A 474 -10.14 4.29 -23.66
CA VAL A 474 -10.76 3.09 -23.09
C VAL A 474 -10.87 2.01 -24.19
N THR A 475 -10.15 0.92 -23.91
CA THR A 475 -10.27 -0.26 -24.74
C THR A 475 -11.11 -1.26 -23.96
N ALA A 476 -12.17 -1.73 -24.67
CA ALA A 476 -13.09 -2.71 -24.10
C ALA A 476 -13.21 -3.88 -25.08
N ILE A 477 -12.87 -5.03 -24.52
CA ILE A 477 -13.10 -6.31 -25.16
C ILE A 477 -14.24 -7.08 -24.44
N LYS A 478 -15.27 -7.45 -25.26
CA LYS A 478 -16.42 -8.31 -24.91
C LYS A 478 -17.03 -7.94 -23.55
N CYS A 479 -17.23 -6.64 -23.36
CA CYS A 479 -18.00 -6.03 -22.28
C CYS A 479 -19.48 -5.87 -22.77
N GLY A 480 -20.38 -5.70 -21.73
CA GLY A 480 -21.69 -5.02 -21.93
C GLY A 480 -21.75 -3.72 -22.74
N ARG A 481 -20.82 -2.79 -22.42
CA ARG A 481 -20.68 -1.44 -22.97
C ARG A 481 -19.23 -0.96 -22.70
N PRO A 482 -18.50 -0.29 -23.68
CA PRO A 482 -17.21 0.36 -23.33
C PRO A 482 -17.37 1.41 -22.22
N LEU A 483 -18.00 2.55 -22.61
CA LEU A 483 -18.10 3.63 -21.65
C LEU A 483 -19.59 4.09 -21.75
N GLN A 484 -20.04 4.50 -20.55
CA GLN A 484 -21.19 5.37 -20.38
C GLN A 484 -20.75 6.59 -19.58
N TYR A 485 -21.11 7.74 -20.19
CA TYR A 485 -21.19 9.02 -19.49
C TYR A 485 -22.65 9.32 -19.16
N ALA A 486 -22.89 9.37 -17.83
CA ALA A 486 -24.18 9.61 -17.19
C ALA A 486 -24.12 10.82 -16.21
N PRO A 487 -24.00 12.10 -16.70
CA PRO A 487 -23.94 13.30 -15.87
C PRO A 487 -25.32 13.71 -15.31
N LYS A 488 -25.26 14.70 -14.42
CA LYS A 488 -26.37 15.55 -14.03
C LYS A 488 -26.68 16.51 -15.18
N THR A 489 -27.75 16.08 -15.90
CA THR A 489 -28.30 16.67 -17.13
C THR A 489 -28.72 18.13 -16.89
N THR A 490 -29.38 18.36 -15.73
CA THR A 490 -29.99 19.61 -15.31
C THR A 490 -28.94 20.68 -14.97
N ASP A 491 -27.66 20.31 -14.83
CA ASP A 491 -26.61 21.22 -14.41
C ASP A 491 -25.43 21.20 -15.40
N ALA A 492 -25.25 22.31 -16.16
CA ALA A 492 -24.16 22.60 -17.09
C ALA A 492 -22.76 22.43 -16.47
N ASN A 493 -22.60 22.90 -15.23
CA ASN A 493 -21.39 22.78 -14.42
C ASN A 493 -20.92 21.32 -14.32
N ASP A 494 -21.85 20.38 -14.05
CA ASP A 494 -21.65 18.94 -13.84
C ASP A 494 -20.80 18.23 -14.92
N TYR A 495 -21.03 18.51 -16.22
CA TYR A 495 -20.37 17.91 -17.38
C TYR A 495 -19.50 18.94 -18.11
N ALA A 496 -19.30 20.19 -17.61
CA ALA A 496 -18.52 21.22 -18.29
C ALA A 496 -17.06 20.74 -18.43
N GLY A 497 -16.64 20.94 -19.71
CA GLY A 497 -15.31 20.61 -20.16
C GLY A 497 -14.85 19.13 -20.17
N VAL A 498 -15.76 18.13 -19.88
CA VAL A 498 -15.53 16.69 -19.96
C VAL A 498 -15.28 16.25 -21.41
N ILE A 499 -14.06 15.69 -21.61
CA ILE A 499 -13.51 15.14 -22.89
C ILE A 499 -13.48 13.60 -22.81
N ILE A 500 -14.23 13.01 -23.76
CA ILE A 500 -14.13 11.58 -23.99
C ILE A 500 -13.30 11.41 -25.27
N GLY A 501 -12.05 10.86 -25.12
CA GLY A 501 -11.15 10.65 -26.25
C GLY A 501 -11.52 9.39 -27.01
N ARG A 502 -10.52 8.54 -27.18
CA ARG A 502 -10.62 7.35 -28.02
C ARG A 502 -11.21 6.26 -27.14
N ILE A 503 -12.39 5.78 -27.63
CA ILE A 503 -13.05 4.58 -27.14
C ILE A 503 -12.91 3.54 -28.26
N ASN A 504 -12.36 2.39 -27.78
CA ASN A 504 -12.15 1.13 -28.53
C ASN A 504 -13.12 0.03 -28.03
N ASP A 505 -14.03 -0.34 -28.97
CA ASP A 505 -15.10 -1.35 -28.78
C ASP A 505 -14.75 -2.60 -29.60
N VAL A 506 -14.53 -3.72 -28.89
CA VAL A 506 -14.44 -5.07 -29.50
C VAL A 506 -15.54 -5.98 -28.93
N GLU A 507 -16.57 -6.19 -29.76
CA GLU A 507 -17.63 -7.18 -29.54
C GLU A 507 -18.33 -6.92 -28.18
N CYS A 508 -18.41 -5.63 -27.85
CA CYS A 508 -19.31 -5.16 -26.82
C CYS A 508 -20.75 -5.34 -27.32
N THR A 509 -21.63 -5.70 -26.34
CA THR A 509 -23.07 -5.85 -26.51
C THR A 509 -23.73 -4.52 -26.96
N ASN A 510 -23.48 -3.41 -26.22
CA ASN A 510 -24.15 -2.13 -26.43
C ASN A 510 -23.12 -1.06 -26.74
N ARG A 511 -23.49 -0.19 -27.71
CA ARG A 511 -22.68 1.00 -27.96
C ARG A 511 -22.42 1.89 -26.75
N SER A 512 -21.28 2.61 -26.84
CA SER A 512 -20.90 3.62 -25.81
C SER A 512 -21.97 4.76 -25.85
N VAL A 513 -22.17 5.44 -24.70
CA VAL A 513 -23.16 6.51 -24.49
C VAL A 513 -22.39 7.75 -23.99
N PHE A 514 -22.60 8.81 -24.77
CA PHE A 514 -21.90 10.06 -24.50
C PHE A 514 -22.88 11.14 -24.03
N TYR A 515 -22.26 12.22 -23.50
CA TYR A 515 -22.87 13.51 -23.19
C TYR A 515 -21.90 14.68 -23.40
N GLY A 516 -22.51 15.86 -23.72
CA GLY A 516 -21.79 17.13 -23.89
C GLY A 516 -21.11 17.13 -25.26
N GLN A 517 -20.60 18.29 -25.69
CA GLN A 517 -19.79 18.40 -26.88
C GLN A 517 -18.47 19.05 -26.48
N LYS A 518 -17.34 18.37 -26.70
CA LYS A 518 -15.93 18.84 -26.57
C LYS A 518 -15.57 19.87 -27.67
N ILE A 519 -14.67 20.78 -27.26
CA ILE A 519 -13.96 21.72 -28.13
C ILE A 519 -12.59 21.09 -28.28
N VAL A 520 -12.11 20.80 -29.53
CA VAL A 520 -10.82 20.16 -29.82
C VAL A 520 -10.04 21.08 -30.78
N HIS A 521 -8.77 21.33 -30.39
CA HIS A 521 -7.84 22.02 -31.31
C HIS A 521 -6.81 21.02 -31.84
N SER A 522 -6.71 20.96 -33.21
CA SER A 522 -5.80 20.07 -33.91
C SER A 522 -4.82 20.70 -34.89
N GLN A 523 -3.69 20.02 -35.12
CA GLN A 523 -2.86 20.44 -36.25
C GLN A 523 -3.57 20.10 -37.57
N ARG A 524 -3.47 21.02 -38.54
CA ARG A 524 -3.86 20.81 -39.95
C ARG A 524 -3.31 19.46 -40.42
N LYS A 525 -4.13 18.65 -41.10
CA LYS A 525 -3.79 17.32 -41.61
C LYS A 525 -4.29 17.20 -43.05
N ILE A 526 -3.48 16.39 -43.78
CA ILE A 526 -4.06 15.60 -44.89
C ILE A 526 -4.18 14.16 -44.36
N GLU A 527 -5.48 13.75 -44.32
CA GLU A 527 -5.78 12.38 -43.94
C GLU A 527 -6.11 11.49 -45.17
N ARG A 528 -5.31 10.39 -45.29
CA ARG A 528 -5.37 9.52 -46.47
C ARG A 528 -5.78 8.13 -46.02
N ILE A 529 -6.97 7.78 -46.51
CA ILE A 529 -7.64 6.53 -46.27
C ILE A 529 -7.55 5.72 -47.58
N TYR A 530 -6.70 4.68 -47.47
CA TYR A 530 -6.56 3.69 -48.55
C TYR A 530 -7.37 2.41 -48.31
N ALA A 531 -8.25 2.07 -49.29
CA ALA A 531 -9.07 0.87 -49.21
C ALA A 531 -8.50 -0.20 -50.12
N GLN A 532 -8.07 -1.31 -49.49
CA GLN A 532 -7.30 -2.39 -50.13
C GLN A 532 -8.20 -3.44 -50.82
N GLU A 533 -9.52 -3.33 -50.63
CA GLU A 533 -10.51 -4.41 -50.54
C GLU A 533 -10.55 -5.35 -51.74
N THR A 534 -10.62 -4.76 -52.96
CA THR A 534 -10.55 -5.26 -54.33
C THR A 534 -11.85 -5.07 -55.13
N ALA A 535 -12.98 -5.03 -54.42
CA ALA A 535 -14.32 -4.99 -54.99
C ALA A 535 -15.29 -4.21 -54.10
N PHE A 536 -16.07 -3.39 -54.80
CA PHE A 536 -17.06 -2.44 -54.28
C PHE A 536 -18.34 -2.49 -55.09
N VAL A 537 -19.45 -2.74 -54.38
CA VAL A 537 -20.82 -2.73 -54.90
C VAL A 537 -21.41 -1.30 -54.84
N LEU A 538 -22.58 -1.11 -55.47
CA LEU A 538 -23.32 0.17 -55.52
C LEU A 538 -23.76 0.61 -54.12
N ASP A 539 -23.48 1.90 -53.82
CA ASP A 539 -23.74 2.64 -52.58
C ASP A 539 -22.99 2.09 -51.34
N GLN A 540 -21.92 1.32 -51.56
CA GLN A 540 -20.96 0.81 -50.60
C GLN A 540 -20.16 1.95 -49.96
N VAL A 541 -20.14 1.91 -48.62
CA VAL A 541 -19.49 2.93 -47.83
C VAL A 541 -18.02 2.55 -47.69
N LEU A 542 -17.17 3.41 -48.25
CA LEU A 542 -15.72 3.40 -48.04
C LEU A 542 -15.34 4.01 -46.68
N GLU A 543 -15.99 5.13 -46.27
CA GLU A 543 -15.71 5.93 -45.08
C GLU A 543 -16.87 6.89 -44.85
N ALA A 544 -17.28 6.89 -43.54
CA ALA A 544 -18.42 7.72 -43.14
C ALA A 544 -18.26 8.28 -41.74
N ILE A 545 -18.91 9.46 -41.58
CA ILE A 545 -19.34 10.09 -40.34
C ILE A 545 -20.88 10.25 -40.35
N GLU A 546 -21.46 9.76 -39.24
CA GLU A 546 -22.89 9.68 -39.00
C GLU A 546 -23.25 10.30 -37.69
N VAL A 547 -24.24 11.20 -37.83
CA VAL A 547 -24.67 11.97 -36.67
C VAL A 547 -26.13 11.60 -36.43
N TYR A 548 -26.33 11.18 -35.16
CA TYR A 548 -27.60 10.72 -34.62
C TYR A 548 -28.14 11.66 -33.53
N THR A 549 -29.47 11.74 -33.54
CA THR A 549 -30.23 12.55 -32.58
C THR A 549 -30.97 11.76 -31.50
N ASN A 550 -31.12 12.36 -30.29
CA ASN A 550 -32.07 11.91 -29.27
C ASN A 550 -33.15 12.96 -28.94
N ASP A 551 -33.66 13.62 -29.99
CA ASP A 551 -34.63 14.70 -29.82
C ASP A 551 -35.95 14.09 -29.33
N SER A 552 -36.62 14.81 -28.38
CA SER A 552 -37.97 14.56 -27.89
C SER A 552 -38.96 14.34 -29.04
N GLY A 553 -38.95 15.27 -30.01
CA GLY A 553 -39.83 15.35 -31.17
C GLY A 553 -39.85 14.10 -32.06
N VAL A 554 -38.74 13.33 -32.04
CA VAL A 554 -38.52 12.08 -32.78
C VAL A 554 -38.44 10.88 -31.82
N THR A 555 -39.54 10.10 -31.78
CA THR A 555 -39.67 8.82 -31.09
C THR A 555 -40.10 7.78 -32.13
N GLY A 556 -39.20 6.79 -32.37
CA GLY A 556 -39.32 5.75 -33.38
C GLY A 556 -38.00 5.54 -34.14
N ALA A 557 -37.62 4.26 -34.34
CA ALA A 557 -36.27 3.68 -34.30
C ALA A 557 -35.18 4.41 -35.11
N ASN A 558 -35.54 5.03 -36.27
CA ASN A 558 -34.61 5.72 -37.14
C ASN A 558 -34.26 7.10 -36.56
N LYS A 559 -32.97 7.29 -36.19
CA LYS A 559 -32.50 8.53 -35.58
C LYS A 559 -31.25 9.16 -36.24
N LEU A 560 -30.87 8.72 -37.48
CA LEU A 560 -29.83 9.34 -38.30
C LEU A 560 -30.30 10.75 -38.63
N ALA A 561 -29.56 11.76 -38.15
CA ALA A 561 -29.85 13.16 -38.37
C ALA A 561 -29.15 13.61 -39.66
N SER A 562 -27.84 13.23 -39.80
CA SER A 562 -26.97 13.75 -40.86
C SER A 562 -25.73 12.87 -40.95
N ALA A 563 -25.17 12.82 -42.17
CA ALA A 563 -24.08 11.92 -42.57
C ALA A 563 -23.34 12.45 -43.81
N ILE A 564 -22.05 12.06 -43.82
CA ILE A 564 -21.13 12.26 -44.94
C ILE A 564 -20.48 10.89 -45.22
N ARG A 565 -20.74 10.53 -46.50
CA ARG A 565 -20.40 9.16 -46.87
C ARG A 565 -19.59 9.24 -48.15
N HIS A 566 -18.43 8.60 -48.06
CA HIS A 566 -17.49 8.30 -49.13
C HIS A 566 -17.94 6.97 -49.73
N ILE A 567 -18.47 7.08 -50.97
CA ILE A 567 -19.32 6.10 -51.61
C ILE A 567 -18.76 5.60 -52.94
N SER A 568 -18.97 4.29 -53.21
CA SER A 568 -18.87 3.66 -54.52
C SER A 568 -20.20 3.87 -55.26
N ALA A 569 -20.18 4.64 -56.35
CA ALA A 569 -21.32 5.28 -57.06
C ALA A 569 -22.02 4.39 -58.11
N ASP A 570 -21.45 3.20 -58.25
CA ASP A 570 -21.38 2.37 -59.42
C ASP A 570 -21.45 0.94 -58.91
N SER A 571 -22.12 0.10 -59.72
CA SER A 571 -22.19 -1.34 -59.55
C SER A 571 -20.86 -2.04 -59.94
N PHE A 572 -19.84 -1.27 -60.41
CA PHE A 572 -18.53 -1.81 -60.68
C PHE A 572 -17.41 -1.33 -59.74
N GLY A 573 -17.64 -0.26 -58.94
CA GLY A 573 -16.58 0.50 -58.28
C GLY A 573 -15.61 1.13 -59.27
N THR A 574 -16.17 1.72 -60.35
CA THR A 574 -15.44 2.41 -61.42
C THR A 574 -15.75 3.92 -61.39
N SER A 575 -16.53 4.34 -60.36
CA SER A 575 -16.87 5.70 -59.98
C SER A 575 -17.25 5.79 -58.50
N TYR A 576 -16.96 7.00 -57.95
CA TYR A 576 -16.97 7.33 -56.54
C TYR A 576 -17.33 8.78 -56.35
N GLY A 577 -18.07 8.94 -55.24
CA GLY A 577 -18.61 10.19 -54.78
C GLY A 577 -18.79 10.32 -53.27
N LEU A 578 -19.51 11.40 -53.00
CA LEU A 578 -20.01 11.78 -51.67
C LEU A 578 -21.54 11.73 -51.59
N ASP A 579 -22.03 11.30 -50.40
CA ASP A 579 -23.39 11.34 -49.88
C ASP A 579 -23.44 12.33 -48.70
N LEU A 580 -24.10 13.49 -49.00
CA LEU A 580 -24.40 14.52 -48.00
C LEU A 580 -25.83 14.29 -47.49
N VAL A 581 -25.92 13.63 -46.31
CA VAL A 581 -27.18 13.13 -45.74
C VAL A 581 -27.84 14.18 -44.83
N ALA A 582 -29.12 14.37 -45.18
CA ALA A 582 -30.08 15.17 -44.41
C ALA A 582 -31.31 14.38 -43.92
N SER A 583 -32.20 15.00 -43.13
CA SER A 583 -33.35 14.34 -42.49
C SER A 583 -34.45 15.31 -42.13
N THR A 584 -35.69 14.81 -42.08
CA THR A 584 -36.92 15.47 -41.66
C THR A 584 -37.86 14.36 -41.23
N ILE A 585 -38.59 14.64 -40.13
CA ILE A 585 -39.68 13.87 -39.51
C ILE A 585 -40.75 13.60 -40.58
N SER A 586 -41.15 12.31 -40.71
CA SER A 586 -42.18 11.76 -41.60
C SER A 586 -42.65 10.42 -41.06
N LYS A 587 -43.95 10.39 -40.73
CA LYS A 587 -44.71 9.18 -40.40
C LYS A 587 -44.16 8.56 -39.10
N ASN A 588 -43.83 9.45 -38.14
CA ASN A 588 -43.20 9.21 -36.84
C ASN A 588 -41.82 8.53 -36.93
N ASN A 589 -41.05 8.86 -37.98
CA ASN A 589 -39.67 8.43 -38.18
C ASN A 589 -38.88 9.63 -38.72
N LEU A 590 -37.54 9.61 -38.56
CA LEU A 590 -36.63 10.48 -39.31
C LEU A 590 -36.36 9.90 -40.72
N ALA A 591 -36.95 10.47 -41.78
CA ALA A 591 -36.66 10.11 -43.18
C ALA A 591 -35.37 10.81 -43.63
N ASN A 592 -34.44 10.01 -44.20
CA ASN A 592 -33.14 10.33 -44.79
C ASN A 592 -33.24 10.53 -46.31
N SER A 593 -32.45 11.51 -46.70
CA SER A 593 -32.25 11.81 -48.12
C SER A 593 -30.85 12.40 -48.31
N LYS A 594 -30.37 12.40 -49.57
CA LYS A 594 -28.96 12.63 -49.91
C LYS A 594 -28.92 13.73 -50.99
N THR A 595 -28.03 14.73 -50.77
CA THR A 595 -27.28 15.33 -51.88
C THR A 595 -26.11 14.43 -52.26
N LYS A 596 -26.19 13.94 -53.53
CA LYS A 596 -25.25 13.09 -54.24
C LYS A 596 -24.21 13.93 -55.03
N VAL A 597 -22.96 13.95 -54.49
CA VAL A 597 -21.84 14.61 -55.18
C VAL A 597 -21.18 13.54 -56.05
N ARG A 598 -21.21 13.84 -57.36
CA ARG A 598 -20.77 12.92 -58.45
C ARG A 598 -19.88 13.56 -59.54
N ALA A 599 -19.09 12.68 -60.24
CA ALA A 599 -18.23 13.15 -61.34
C ALA A 599 -19.09 13.78 -62.45
N GLY A 600 -19.00 15.11 -62.56
CA GLY A 600 -19.76 15.91 -63.49
C GLY A 600 -21.19 16.27 -63.05
N HIS A 601 -21.71 15.86 -61.86
CA HIS A 601 -23.05 16.31 -61.41
C HIS A 601 -23.23 16.34 -59.90
N ILE A 602 -24.18 17.18 -59.47
CA ILE A 602 -24.87 16.96 -58.20
C ILE A 602 -26.35 16.61 -58.45
N GLU A 603 -26.85 15.91 -57.43
CA GLU A 603 -28.19 15.36 -57.43
C GLU A 603 -28.79 15.55 -56.05
N VAL A 604 -29.88 16.33 -56.03
CA VAL A 604 -30.62 16.45 -54.78
C VAL A 604 -31.83 15.53 -54.88
N GLU A 605 -31.91 14.65 -53.88
CA GLU A 605 -32.92 13.62 -53.77
C GLU A 605 -34.13 14.24 -53.03
N PRO A 606 -35.43 13.86 -53.28
CA PRO A 606 -36.54 14.33 -52.45
C PRO A 606 -36.52 13.86 -51.00
N ALA A 607 -37.07 14.70 -50.11
CA ALA A 607 -37.15 14.50 -48.66
C ALA A 607 -37.86 13.18 -48.32
N VAL A 608 -38.97 13.01 -49.09
CA VAL A 608 -39.82 11.81 -49.10
C VAL A 608 -40.34 11.59 -50.54
N ALA A 609 -40.79 10.34 -50.80
CA ALA A 609 -41.54 9.90 -51.98
C ALA A 609 -42.78 10.77 -52.10
N GLY A 610 -42.95 11.28 -53.32
CA GLY A 610 -44.02 12.20 -53.71
C GLY A 610 -43.72 13.68 -53.50
N ALA A 611 -42.61 14.05 -52.80
CA ALA A 611 -42.07 15.42 -52.76
C ALA A 611 -41.10 15.66 -53.90
N ALA A 612 -41.13 16.88 -54.44
CA ALA A 612 -40.15 17.40 -55.39
C ALA A 612 -38.90 17.83 -54.63
N SER A 613 -37.73 17.77 -55.32
CA SER A 613 -36.51 18.44 -54.85
C SER A 613 -36.29 19.76 -55.57
N HIS A 614 -35.40 20.62 -54.99
CA HIS A 614 -35.08 21.95 -55.53
C HIS A 614 -33.68 22.46 -55.11
N ILE A 615 -33.32 23.55 -55.81
CA ILE A 615 -32.20 24.45 -55.52
C ILE A 615 -32.76 25.85 -55.16
N VAL A 616 -32.42 26.28 -53.97
CA VAL A 616 -32.58 27.67 -53.49
C VAL A 616 -31.34 28.54 -53.80
N LEU A 617 -31.61 29.64 -54.52
CA LEU A 617 -30.71 30.78 -54.78
C LEU A 617 -31.30 32.14 -54.36
N TYR A 618 -30.45 33.15 -54.13
CA TYR A 618 -30.77 34.54 -53.78
C TYR A 618 -30.58 35.53 -54.95
N ALA A 619 -31.51 36.47 -55.14
CA ALA A 619 -31.34 37.71 -55.89
C ALA A 619 -30.50 38.69 -55.07
N ALA A 620 -29.94 39.71 -55.76
CA ALA A 620 -29.21 40.83 -55.20
C ALA A 620 -30.06 41.69 -54.25
N ASN A 621 -31.39 41.75 -54.45
CA ASN A 621 -32.27 42.37 -53.44
C ASN A 621 -32.55 41.53 -52.19
N GLY A 622 -31.84 40.39 -52.04
CA GLY A 622 -31.91 39.36 -51.01
C GLY A 622 -33.22 38.57 -50.89
N THR A 623 -34.13 38.62 -51.91
CA THR A 623 -35.23 37.68 -52.07
C THR A 623 -34.68 36.33 -52.56
N LYS A 624 -35.38 35.24 -52.20
CA LYS A 624 -34.97 33.85 -52.48
C LYS A 624 -35.88 33.17 -53.50
N TRP A 625 -35.24 32.35 -54.37
CA TRP A 625 -35.85 31.72 -55.53
C TRP A 625 -35.44 30.25 -55.67
N LYS A 626 -36.41 29.41 -56.03
CA LYS A 626 -36.18 27.98 -56.25
C LYS A 626 -36.38 27.67 -57.70
N LEU A 627 -35.44 26.84 -58.23
CA LEU A 627 -35.61 25.99 -59.40
C LEU A 627 -36.00 24.58 -58.96
N GLU A 628 -37.18 24.14 -59.40
CA GLU A 628 -37.93 22.93 -59.02
C GLU A 628 -38.64 22.34 -60.25
N PRO A 629 -38.36 21.05 -60.65
CA PRO A 629 -38.94 20.49 -61.88
C PRO A 629 -40.46 20.31 -61.88
N THR A 630 -41.02 20.37 -63.08
CA THR A 630 -42.47 20.50 -63.31
C THR A 630 -43.08 19.11 -63.49
N GLY A 631 -42.23 18.10 -63.77
CA GLY A 631 -42.62 16.83 -64.36
C GLY A 631 -42.81 16.90 -65.87
N SER A 632 -42.28 17.97 -66.52
CA SER A 632 -42.12 18.05 -67.96
C SER A 632 -40.83 18.74 -68.37
N ALA A 633 -40.46 18.47 -69.65
CA ALA A 633 -39.31 18.88 -70.44
C ALA A 633 -39.50 20.32 -70.97
N SER A 634 -39.65 21.25 -70.01
CA SER A 634 -40.19 22.61 -70.13
C SER A 634 -39.21 23.64 -69.57
N ALA A 635 -39.47 24.93 -69.85
CA ALA A 635 -38.65 26.04 -69.40
C ALA A 635 -38.61 26.07 -67.86
N ALA A 636 -37.38 26.27 -67.33
CA ALA A 636 -37.19 26.49 -65.90
C ALA A 636 -37.40 27.95 -65.62
N ASN A 637 -38.24 28.18 -64.62
CA ASN A 637 -38.56 29.49 -64.08
C ASN A 637 -38.20 29.51 -62.60
N TRP A 638 -37.79 30.72 -62.19
CA TRP A 638 -37.64 31.13 -60.80
C TRP A 638 -39.02 31.21 -60.13
N VAL A 639 -39.18 30.42 -59.05
CA VAL A 639 -40.36 30.30 -58.21
C VAL A 639 -40.02 30.86 -56.82
N ALA A 640 -40.81 31.83 -56.36
CA ALA A 640 -40.57 32.49 -55.06
C ALA A 640 -40.66 31.53 -53.88
N VAL A 641 -39.76 31.77 -52.91
CA VAL A 641 -39.63 30.95 -51.71
C VAL A 641 -39.29 31.83 -50.48
#